data_5N2Z
#
_entry.id   5N2Z
#
_cell.length_a   93.021
_cell.length_b   93.021
_cell.length_c   130.878
_cell.angle_alpha   90.00
_cell.angle_beta   90.00
_cell.angle_gamma   120.00
#
_symmetry.space_group_name_H-M   'P 61 2 2'
#
loop_
_entity.id
_entity.type
_entity.pdbx_description
1 polymer Thermolysin
2 non-polymer 'ZINC ION'
3 non-polymer 'CALCIUM ION'
4 non-polymer 'DIMETHYL SULFOXIDE'
5 non-polymer '~{N}-[(2~{S})-1-(4-azanylbutylamino)-4-methyl-1-oxidanylidene-pentan-2-yl]-(phenylmethoxycarbonylaminomethyl)phosphonamidic acid'
6 water water
#
_entity_poly.entity_id   1
_entity_poly.type   'polypeptide(L)'
_entity_poly.pdbx_seq_one_letter_code
;ITGTSTVGVGRGVLGDQKNINTTYSTYYYLQDNTRGNGIFTYDAKYRTTLPGSLWADADNQFFASYDAPAVDAHYYAGVT
YDYYKNVHNRLSYDGNNAAIRSSVHYSQGYNNAFWNGSQMVYGDGDGQTFIPLSGGIDVVAHELTHAVTDYTAGLIYQNE
SGAINEAISDIFGTLVEFYANKNPDWEIGEDVYTPGISGDSLRSMSDPAKYGDPDHYSKRYTGTQDNGGVHINSGIINKA
AYLISQGGTHYGVSVVGIGRDKLGKIFYRALTQYLTPTSNFSQLRAAAVQSATDLYGSTSQEVASVKQAFDAVGVK
;
_entity_poly.pdbx_strand_id   E
#
loop_
_chem_comp.id
_chem_comp.type
_chem_comp.name
_chem_comp.formula
8JH non-polymer '~{N}-[(2~{S})-1-(4-azanylbutylamino)-4-methyl-1-oxidanylidene-pentan-2-yl]-(phenylmethoxycarbonylaminomethyl)phosphonamidic acid' 'C19 H33 N4 O5 P'
CA non-polymer 'CALCIUM ION' 'Ca 2'
DMS non-polymer 'DIMETHYL SULFOXIDE' 'C2 H6 O S'
ZN non-polymer 'ZINC ION' 'Zn 2'
#
# COMPACT_ATOMS: atom_id res chain seq x y z
N ILE A 1 22.52 -12.36 2.18
CA ILE A 1 23.71 -13.27 1.99
C ILE A 1 24.71 -12.60 1.06
N THR A 2 25.98 -12.98 1.20
CA THR A 2 26.99 -12.52 0.27
C THR A 2 26.94 -13.37 -0.99
N GLY A 3 26.93 -12.70 -2.13
CA GLY A 3 26.90 -13.42 -3.39
C GLY A 3 26.92 -12.43 -4.54
N THR A 4 26.59 -12.91 -5.73
CA THR A 4 26.61 -12.03 -6.90
C THR A 4 25.17 -11.83 -7.37
N SER A 5 24.90 -10.62 -7.84
CA SER A 5 23.56 -10.28 -8.31
C SER A 5 23.27 -10.98 -9.63
N THR A 6 22.05 -11.53 -9.71
CA THR A 6 21.59 -12.32 -10.84
C THR A 6 20.18 -11.89 -11.18
N VAL A 7 19.68 -12.38 -12.30
CA VAL A 7 18.33 -12.07 -12.76
C VAL A 7 17.62 -13.39 -13.04
N GLY A 8 16.62 -13.70 -12.23
CA GLY A 8 15.78 -14.86 -12.44
C GLY A 8 14.51 -14.49 -13.17
N VAL A 9 13.73 -15.51 -13.49
CA VAL A 9 12.47 -15.32 -14.20
CA VAL A 9 12.48 -15.36 -14.24
C VAL A 9 11.43 -16.21 -13.55
N GLY A 10 10.20 -15.70 -13.46
CA GLY A 10 9.15 -16.48 -12.85
C GLY A 10 7.77 -15.99 -13.23
N ARG A 11 6.78 -16.61 -12.59
CA ARG A 11 5.38 -16.31 -12.81
C ARG A 11 4.74 -15.92 -11.48
N GLY A 12 3.96 -14.85 -11.50
CA GLY A 12 3.28 -14.38 -10.32
C GLY A 12 1.93 -15.06 -10.10
N VAL A 13 1.22 -14.59 -9.07
CA VAL A 13 -0.04 -15.17 -8.63
C VAL A 13 -1.09 -15.19 -9.74
N LEU A 14 -1.11 -14.16 -10.58
CA LEU A 14 -2.08 -14.07 -11.68
C LEU A 14 -1.59 -14.71 -12.97
N GLY A 15 -0.43 -15.39 -12.95
CA GLY A 15 0.04 -16.14 -14.11
C GLY A 15 0.92 -15.36 -15.05
N ASP A 16 1.29 -14.15 -14.69
CA ASP A 16 2.10 -13.28 -15.53
C ASP A 16 3.58 -13.52 -15.29
N GLN A 17 4.36 -13.48 -16.37
CA GLN A 17 5.81 -13.68 -16.29
C GLN A 17 6.52 -12.36 -15.99
N LYS A 18 7.53 -12.42 -15.11
CA LYS A 18 8.33 -11.24 -14.82
C LYS A 18 9.74 -11.67 -14.43
N ASN A 19 10.69 -10.76 -14.67
CA ASN A 19 12.06 -10.94 -14.19
C ASN A 19 12.17 -10.45 -12.75
N ILE A 20 13.03 -11.12 -11.98
CA ILE A 20 13.24 -10.78 -10.58
CA ILE A 20 13.24 -10.72 -10.59
C ILE A 20 14.73 -10.72 -10.30
N ASN A 21 15.13 -9.78 -9.45
CA ASN A 21 16.52 -9.64 -9.03
C ASN A 21 16.81 -10.63 -7.90
N THR A 22 17.79 -11.49 -8.13
CA THR A 22 18.18 -12.54 -7.19
C THR A 22 19.67 -12.39 -6.85
N THR A 23 20.12 -13.26 -5.94
CA THR A 23 21.53 -13.34 -5.54
C THR A 23 21.97 -14.79 -5.60
N TYR A 24 23.11 -15.06 -6.24
CA TYR A 24 23.62 -16.42 -6.35
C TYR A 24 24.76 -16.64 -5.37
N SER A 25 24.59 -17.68 -4.53
CA SER A 25 25.64 -18.23 -3.69
C SER A 25 25.16 -19.65 -3.36
N THR A 26 25.61 -20.63 -4.16
CA THR A 26 25.17 -22.04 -4.18
C THR A 26 23.73 -22.19 -4.66
N TYR A 27 22.81 -21.51 -3.99
CA TYR A 27 21.44 -21.34 -4.42
C TYR A 27 21.24 -19.93 -4.96
N TYR A 28 20.14 -19.76 -5.67
CA TYR A 28 19.62 -18.44 -6.05
C TYR A 28 18.60 -17.99 -5.01
N TYR A 29 18.86 -16.85 -4.39
CA TYR A 29 18.02 -16.34 -3.31
C TYR A 29 17.20 -15.15 -3.80
N LEU A 30 15.99 -14.99 -3.24
CA LEU A 30 15.19 -13.79 -3.47
C LEU A 30 15.75 -12.66 -2.63
N GLN A 31 16.83 -12.09 -3.15
CA GLN A 31 17.58 -10.99 -2.56
C GLN A 31 17.97 -10.08 -3.72
N ASP A 32 17.34 -8.90 -3.77
CA ASP A 32 17.52 -7.91 -4.81
C ASP A 32 18.50 -6.89 -4.27
N ASN A 33 19.72 -6.89 -4.79
CA ASN A 33 20.75 -5.95 -4.33
C ASN A 33 20.73 -4.63 -5.08
N THR A 34 19.81 -4.46 -6.04
CA THR A 34 19.82 -3.28 -6.90
C THR A 34 19.13 -2.08 -6.25
N ARG A 35 18.45 -2.28 -5.12
CA ARG A 35 17.62 -1.26 -4.50
C ARG A 35 18.06 -1.10 -3.05
N GLY A 36 18.61 0.06 -2.72
CA GLY A 36 19.01 0.36 -1.35
C GLY A 36 19.93 -0.69 -0.76
N ASN A 37 19.66 -1.07 0.48
CA ASN A 37 20.38 -2.13 1.16
C ASN A 37 19.67 -3.48 1.01
N GLY A 38 18.88 -3.64 -0.02
CA GLY A 38 18.36 -4.92 -0.44
C GLY A 38 16.86 -5.06 -0.19
N ILE A 39 16.25 -5.92 -1.00
CA ILE A 39 14.91 -6.43 -0.80
C ILE A 39 15.04 -7.93 -0.66
N PHE A 40 14.47 -8.47 0.42
CA PHE A 40 14.66 -9.86 0.80
C PHE A 40 13.30 -10.49 0.99
N THR A 41 13.06 -11.64 0.38
CA THR A 41 11.79 -12.34 0.46
C THR A 41 12.00 -13.73 1.05
N TYR A 42 11.16 -14.08 2.02
CA TYR A 42 11.28 -15.26 2.87
C TYR A 42 10.07 -16.17 2.70
N ASP A 43 10.30 -17.47 2.97
CA ASP A 43 9.26 -18.49 3.01
C ASP A 43 8.89 -18.77 4.47
N ALA A 44 7.65 -18.46 4.85
CA ALA A 44 7.16 -18.79 6.18
C ALA A 44 6.58 -20.21 6.27
N LYS A 45 6.46 -20.92 5.14
CA LYS A 45 6.21 -22.38 5.11
C LYS A 45 4.92 -22.79 5.81
N TYR A 46 3.89 -21.95 5.68
CA TYR A 46 2.56 -22.14 6.26
C TYR A 46 2.53 -21.98 7.78
N ARG A 47 3.63 -21.58 8.40
CA ARG A 47 3.68 -21.36 9.84
C ARG A 47 3.61 -19.88 10.15
N THR A 48 3.66 -19.58 11.45
CA THR A 48 3.52 -18.21 11.94
C THR A 48 4.80 -17.69 12.57
N THR A 49 5.89 -18.46 12.53
CA THR A 49 7.18 -17.96 12.99
CA THR A 49 7.21 -18.00 12.95
C THR A 49 7.81 -17.12 11.87
N LEU A 50 8.29 -15.94 12.23
CA LEU A 50 8.79 -14.97 11.26
C LEU A 50 10.24 -14.64 11.51
N PRO A 51 11.02 -14.36 10.46
CA PRO A 51 10.52 -14.27 9.07
C PRO A 51 10.42 -15.61 8.32
N GLY A 52 10.96 -16.69 8.87
CA GLY A 52 11.11 -17.91 8.11
C GLY A 52 12.47 -17.93 7.43
N SER A 53 12.55 -18.57 6.28
N SER A 53 12.61 -18.66 6.33
CA SER A 53 13.82 -18.81 5.60
CA SER A 53 13.92 -18.81 5.68
C SER A 53 13.96 -17.91 4.37
C SER A 53 13.99 -17.99 4.39
N LEU A 54 15.13 -17.32 4.20
CA LEU A 54 15.36 -16.55 2.97
C LEU A 54 15.11 -17.46 1.77
N TRP A 55 14.29 -17.00 0.83
CA TRP A 55 13.82 -17.89 -0.23
C TRP A 55 14.96 -18.36 -1.13
N ALA A 56 15.16 -19.68 -1.17
CA ALA A 56 16.23 -20.32 -1.93
C ALA A 56 15.66 -21.19 -3.05
N ASP A 57 16.29 -21.10 -4.22
CA ASP A 57 15.85 -21.81 -5.41
C ASP A 57 17.06 -22.35 -6.16
N ALA A 58 16.96 -23.59 -6.63
CA ALA A 58 18.12 -24.23 -7.24
C ALA A 58 18.51 -23.68 -8.61
N ASP A 59 17.56 -23.18 -9.43
CA ASP A 59 17.89 -22.90 -10.83
C ASP A 59 17.54 -21.49 -11.30
N ASN A 60 17.08 -20.59 -10.42
CA ASN A 60 16.78 -19.21 -10.79
C ASN A 60 15.53 -19.07 -11.67
N GLN A 61 14.70 -20.11 -11.74
CA GLN A 61 13.43 -20.11 -12.45
C GLN A 61 12.33 -20.34 -11.41
N PHE A 62 11.31 -19.52 -11.44
CA PHE A 62 10.32 -19.46 -10.37
C PHE A 62 8.90 -19.60 -10.97
N PHE A 63 8.64 -20.76 -11.61
CA PHE A 63 7.38 -21.04 -12.27
C PHE A 63 6.50 -22.03 -11.52
N ALA A 64 6.92 -22.51 -10.35
CA ALA A 64 6.07 -23.42 -9.60
C ALA A 64 4.95 -22.65 -8.92
N SER A 65 3.82 -23.32 -8.71
N SER A 65 3.81 -23.33 -8.75
N SER A 65 3.81 -23.33 -8.73
CA SER A 65 2.70 -22.66 -8.05
CA SER A 65 2.70 -22.67 -8.06
CA SER A 65 2.69 -22.71 -8.03
C SER A 65 3.10 -22.15 -6.66
C SER A 65 3.14 -22.13 -6.69
C SER A 65 3.12 -22.15 -6.69
N TYR A 66 3.94 -22.91 -5.95
CA TYR A 66 4.40 -22.48 -4.62
C TYR A 66 5.23 -21.21 -4.70
N ASP A 67 5.90 -20.97 -5.83
CA ASP A 67 6.77 -19.81 -6.01
C ASP A 67 5.98 -18.51 -6.21
N ALA A 68 4.74 -18.60 -6.72
CA ALA A 68 4.08 -17.41 -7.25
C ALA A 68 3.92 -16.29 -6.22
N PRO A 69 3.53 -16.55 -4.98
CA PRO A 69 3.39 -15.42 -4.03
C PRO A 69 4.72 -14.76 -3.72
N ALA A 70 5.81 -15.52 -3.75
CA ALA A 70 7.12 -14.97 -3.49
C ALA A 70 7.57 -14.08 -4.64
N VAL A 71 7.37 -14.53 -5.88
CA VAL A 71 7.71 -13.71 -7.05
C VAL A 71 7.06 -12.34 -6.92
N ASP A 72 5.78 -12.30 -6.62
CA ASP A 72 5.04 -11.04 -6.60
C ASP A 72 5.39 -10.18 -5.38
N ALA A 73 5.56 -10.79 -4.19
CA ALA A 73 5.96 -9.97 -3.05
C ALA A 73 7.30 -9.30 -3.33
N HIS A 74 8.21 -10.02 -3.96
CA HIS A 74 9.56 -9.53 -4.23
C HIS A 74 9.50 -8.44 -5.30
N TYR A 75 8.83 -8.72 -6.41
CA TYR A 75 8.76 -7.78 -7.53
C TYR A 75 8.00 -6.51 -7.15
N TYR A 76 6.85 -6.65 -6.51
CA TYR A 76 6.07 -5.47 -6.17
C TYR A 76 6.71 -4.65 -5.06
N ALA A 77 7.49 -5.24 -4.16
CA ALA A 77 8.29 -4.44 -3.24
C ALA A 77 9.27 -3.57 -4.00
N GLY A 78 9.85 -4.11 -5.09
CA GLY A 78 10.74 -3.32 -5.92
C GLY A 78 10.03 -2.15 -6.57
N VAL A 79 8.83 -2.39 -7.12
CA VAL A 79 8.08 -1.30 -7.73
C VAL A 79 7.77 -0.21 -6.70
N THR A 80 7.38 -0.62 -5.49
CA THR A 80 7.03 0.35 -4.45
C THR A 80 8.26 1.14 -4.03
N TYR A 81 9.41 0.47 -3.86
CA TYR A 81 10.67 1.17 -3.60
C TYR A 81 10.92 2.22 -4.68
N ASP A 82 10.75 1.84 -5.95
CA ASP A 82 11.00 2.74 -7.06
C ASP A 82 10.07 3.95 -7.03
N TYR A 83 8.80 3.73 -6.71
CA TYR A 83 7.87 4.83 -6.59
C TYR A 83 8.34 5.84 -5.54
N TYR A 84 8.63 5.37 -4.33
CA TYR A 84 9.05 6.30 -3.28
C TYR A 84 10.34 7.03 -3.65
N LYS A 85 11.30 6.31 -4.25
CA LYS A 85 12.56 6.95 -4.59
C LYS A 85 12.39 7.94 -5.74
N ASN A 86 11.75 7.51 -6.82
CA ASN A 86 11.70 8.31 -8.04
C ASN A 86 10.72 9.47 -7.91
N VAL A 87 9.62 9.26 -7.21
CA VAL A 87 8.56 10.27 -7.14
C VAL A 87 8.75 11.19 -5.94
N HIS A 88 9.15 10.67 -4.77
CA HIS A 88 9.23 11.46 -3.54
C HIS A 88 10.65 11.60 -3.00
N ASN A 89 11.67 11.10 -3.72
CA ASN A 89 13.06 11.20 -3.25
C ASN A 89 13.21 10.59 -1.86
N ARG A 90 12.48 9.50 -1.59
CA ARG A 90 12.57 8.79 -0.31
C ARG A 90 13.25 7.45 -0.55
N LEU A 91 14.29 7.17 0.24
CA LEU A 91 15.09 5.94 0.12
C LEU A 91 14.59 4.92 1.13
N SER A 92 13.79 3.96 0.65
CA SER A 92 13.16 2.96 1.49
C SER A 92 12.23 3.57 2.55
N TYR A 93 11.72 2.71 3.43
CA TYR A 93 10.69 3.18 4.34
C TYR A 93 11.21 4.13 5.41
N ASP A 94 12.49 4.01 5.79
CA ASP A 94 13.06 4.86 6.83
C ASP A 94 13.79 6.07 6.27
N GLY A 95 13.83 6.23 4.95
CA GLY A 95 14.57 7.31 4.34
C GLY A 95 16.06 7.10 4.28
N ASN A 96 16.57 5.97 4.80
CA ASN A 96 17.99 5.65 4.84
CA ASN A 96 18.01 5.69 4.79
C ASN A 96 18.28 4.29 4.22
N ASN A 97 17.44 3.88 3.28
CA ASN A 97 17.64 2.64 2.55
C ASN A 97 17.64 1.39 3.43
N ALA A 98 16.81 1.35 4.49
CA ALA A 98 16.65 0.11 5.25
C ALA A 98 16.30 -1.05 4.32
N ALA A 99 16.85 -2.22 4.64
CA ALA A 99 16.50 -3.45 3.94
C ALA A 99 15.00 -3.69 4.08
N ILE A 100 14.37 -4.13 2.99
CA ILE A 100 12.94 -4.40 2.96
C ILE A 100 12.76 -5.90 2.99
N ARG A 101 12.06 -6.42 4.00
CA ARG A 101 11.87 -7.85 4.18
C ARG A 101 10.39 -8.20 4.12
N SER A 102 10.07 -9.27 3.41
CA SER A 102 8.71 -9.79 3.31
C SER A 102 8.71 -11.29 3.49
N SER A 103 7.69 -11.83 4.14
CA SER A 103 7.46 -13.27 4.21
C SER A 103 6.13 -13.62 3.55
N VAL A 104 6.14 -14.70 2.77
CA VAL A 104 4.95 -15.23 2.12
C VAL A 104 4.66 -16.63 2.66
N HIS A 105 3.51 -17.16 2.28
CA HIS A 105 3.03 -18.43 2.83
C HIS A 105 2.92 -18.37 4.36
N TYR A 106 2.45 -17.24 4.87
CA TYR A 106 2.21 -17.10 6.31
C TYR A 106 0.93 -17.78 6.71
N SER A 107 1.03 -18.68 7.70
CA SER A 107 -0.11 -19.38 8.27
C SER A 107 -0.81 -20.25 7.22
N GLN A 108 -2.04 -20.66 7.53
CA GLN A 108 -2.87 -21.46 6.64
C GLN A 108 -4.21 -20.76 6.46
N GLY A 109 -4.63 -20.62 5.20
CA GLY A 109 -5.91 -19.98 4.93
C GLY A 109 -6.02 -18.54 5.37
N TYR A 110 -4.90 -17.80 5.42
CA TYR A 110 -4.85 -16.52 6.11
C TYR A 110 -5.27 -15.40 5.16
N ASN A 111 -6.43 -14.80 5.44
CA ASN A 111 -7.06 -13.78 4.59
C ASN A 111 -6.60 -12.37 4.98
N ASN A 112 -5.29 -12.15 5.01
CA ASN A 112 -4.82 -10.82 5.39
C ASN A 112 -3.36 -10.69 5.02
N ALA A 113 -2.86 -9.47 5.19
CA ALA A 113 -1.46 -9.12 5.05
C ALA A 113 -1.22 -7.99 6.05
N PHE A 114 0.04 -7.81 6.47
CA PHE A 114 0.33 -6.80 7.49
C PHE A 114 1.82 -6.48 7.53
N TRP A 115 2.10 -5.32 8.10
CA TRP A 115 3.43 -4.92 8.56
C TRP A 115 3.49 -5.18 10.07
N ASN A 116 4.45 -5.95 10.52
CA ASN A 116 4.49 -6.39 11.92
C ASN A 116 5.36 -5.51 12.82
N GLY A 117 5.75 -4.34 12.36
CA GLY A 117 6.70 -3.47 13.03
C GLY A 117 8.09 -3.54 12.44
N SER A 118 8.38 -4.60 11.68
CA SER A 118 9.71 -4.87 11.16
C SER A 118 9.73 -5.41 9.72
N GLN A 119 8.64 -5.96 9.22
CA GLN A 119 8.63 -6.63 7.93
C GLN A 119 7.19 -6.74 7.46
N MET A 120 7.05 -7.02 6.16
CA MET A 120 5.77 -7.34 5.56
C MET A 120 5.50 -8.84 5.65
N VAL A 121 4.21 -9.18 5.75
CA VAL A 121 3.75 -10.55 5.92
C VAL A 121 2.50 -10.75 5.08
N TYR A 122 2.46 -11.82 4.28
CA TYR A 122 1.34 -12.11 3.39
C TYR A 122 0.78 -13.51 3.59
N GLY A 123 -0.50 -13.60 3.88
CA GLY A 123 -1.20 -14.86 3.78
C GLY A 123 -1.38 -15.34 2.34
N ASP A 124 -1.78 -16.61 2.24
CA ASP A 124 -2.18 -17.20 0.97
C ASP A 124 -3.66 -17.05 0.68
N GLY A 125 -4.45 -16.57 1.65
CA GLY A 125 -5.89 -16.58 1.52
C GLY A 125 -6.45 -17.97 1.66
N ASP A 126 -7.76 -18.07 1.76
CA ASP A 126 -8.44 -19.37 1.82
C ASP A 126 -8.92 -19.86 0.46
N GLY A 127 -8.59 -19.14 -0.61
CA GLY A 127 -8.99 -19.49 -1.96
C GLY A 127 -10.38 -19.03 -2.33
N GLN A 128 -11.16 -18.54 -1.37
CA GLN A 128 -12.53 -18.10 -1.57
C GLN A 128 -12.65 -16.59 -1.36
N THR A 129 -12.22 -16.10 -0.20
CA THR A 129 -12.23 -14.66 0.04
C THR A 129 -11.01 -14.00 -0.60
N PHE A 130 -9.84 -14.63 -0.51
CA PHE A 130 -8.61 -14.13 -1.12
C PHE A 130 -7.83 -15.28 -1.74
N ILE A 131 -7.07 -14.93 -2.78
CA ILE A 131 -5.93 -15.72 -3.25
C ILE A 131 -4.67 -15.06 -2.66
N PRO A 132 -3.47 -15.59 -2.88
CA PRO A 132 -2.32 -15.05 -2.14
C PRO A 132 -2.15 -13.55 -2.31
N LEU A 133 -2.05 -12.85 -1.19
CA LEU A 133 -2.36 -11.42 -1.19
C LEU A 133 -1.27 -10.55 -1.81
N SER A 134 -0.05 -11.07 -1.92
CA SER A 134 1.01 -10.37 -2.62
C SER A 134 0.73 -10.25 -4.12
N GLY A 135 -0.29 -10.93 -4.65
CA GLY A 135 -0.66 -10.74 -6.05
C GLY A 135 -1.22 -9.36 -6.36
N GLY A 136 -1.54 -8.58 -5.34
CA GLY A 136 -2.09 -7.23 -5.55
C GLY A 136 -1.01 -6.17 -5.32
N ILE A 137 -0.69 -5.42 -6.37
N ILE A 137 -0.64 -5.46 -6.38
CA ILE A 137 0.32 -4.38 -6.21
CA ILE A 137 0.31 -4.37 -6.23
C ILE A 137 -0.15 -3.30 -5.22
C ILE A 137 -0.17 -3.39 -5.15
N ASP A 138 -1.45 -3.00 -5.21
CA ASP A 138 -1.98 -2.05 -4.23
C ASP A 138 -1.87 -2.59 -2.81
N VAL A 139 -2.00 -3.91 -2.63
CA VAL A 139 -1.82 -4.54 -1.32
C VAL A 139 -0.38 -4.42 -0.86
N VAL A 140 0.57 -4.81 -1.70
CA VAL A 140 1.99 -4.72 -1.34
C VAL A 140 2.36 -3.29 -0.98
N ALA A 141 1.95 -2.32 -1.80
CA ALA A 141 2.28 -0.93 -1.52
C ALA A 141 1.53 -0.42 -0.28
N HIS A 142 0.30 -0.89 -0.04
CA HIS A 142 -0.39 -0.59 1.21
C HIS A 142 0.45 -1.02 2.42
N GLU A 143 0.99 -2.23 2.38
CA GLU A 143 1.77 -2.75 3.50
C GLU A 143 3.07 -1.97 3.68
N LEU A 144 3.83 -1.73 2.60
CA LEU A 144 5.07 -0.99 2.78
C LEU A 144 4.79 0.45 3.24
N THR A 145 3.68 1.02 2.83
CA THR A 145 3.34 2.35 3.27
C THR A 145 3.07 2.39 4.78
N HIS A 146 2.59 1.32 5.39
CA HIS A 146 2.50 1.31 6.85
C HIS A 146 3.87 1.54 7.50
N ALA A 147 4.92 0.95 6.95
CA ALA A 147 6.28 1.19 7.44
C ALA A 147 6.68 2.65 7.26
N VAL A 148 6.38 3.25 6.11
CA VAL A 148 6.66 4.69 5.90
C VAL A 148 5.95 5.53 6.94
N THR A 149 4.65 5.28 7.14
CA THR A 149 3.89 6.01 8.15
C THR A 149 4.53 5.87 9.53
N ASP A 150 4.86 4.63 9.90
CA ASP A 150 5.41 4.41 11.24
C ASP A 150 6.73 5.15 11.47
N TYR A 151 7.55 5.31 10.44
CA TYR A 151 8.81 6.01 10.54
C TYR A 151 8.66 7.52 10.46
N THR A 152 7.49 8.03 10.04
CA THR A 152 7.30 9.46 9.78
C THR A 152 6.24 9.97 10.75
N ALA A 153 5.00 10.15 10.32
CA ALA A 153 3.98 10.71 11.20
C ALA A 153 3.75 9.85 12.43
N GLY A 154 3.83 8.54 12.29
CA GLY A 154 3.69 7.67 13.45
C GLY A 154 2.26 7.53 13.96
N LEU A 155 1.29 7.74 13.07
CA LEU A 155 -0.13 7.71 13.42
C LEU A 155 -0.49 6.45 14.21
N ILE A 156 -1.04 6.67 15.41
CA ILE A 156 -1.44 5.58 16.29
C ILE A 156 -2.60 4.82 15.66
N TYR A 157 -2.57 3.50 15.75
CA TYR A 157 -3.48 2.64 14.96
C TYR A 157 -4.82 2.43 15.68
N GLN A 158 -5.54 3.55 15.90
CA GLN A 158 -6.81 3.53 16.60
C GLN A 158 -7.58 4.79 16.24
N ASN A 159 -8.90 4.67 16.15
CA ASN A 159 -9.79 5.87 16.07
C ASN A 159 -9.39 6.71 14.86
N GLU A 160 -9.46 8.05 14.93
CA GLU A 160 -9.25 8.85 13.73
C GLU A 160 -7.82 8.78 13.23
N SER A 161 -6.84 8.83 14.13
CA SER A 161 -5.44 8.72 13.67
C SER A 161 -5.22 7.41 12.92
N GLY A 162 -5.87 6.33 13.38
CA GLY A 162 -5.73 5.04 12.74
C GLY A 162 -6.43 4.96 11.39
N ALA A 163 -7.58 5.64 11.27
CA ALA A 163 -8.25 5.73 9.98
C ALA A 163 -7.42 6.54 8.98
N ILE A 164 -6.73 7.59 9.45
CA ILE A 164 -5.80 8.31 8.56
C ILE A 164 -4.66 7.39 8.15
N ASN A 165 -4.11 6.66 9.10
CA ASN A 165 -3.07 5.67 8.82
C ASN A 165 -3.49 4.72 7.71
N GLU A 166 -4.70 4.15 7.84
CA GLU A 166 -5.24 3.26 6.82
C GLU A 166 -5.39 3.97 5.48
N ALA A 167 -5.98 5.16 5.47
CA ALA A 167 -6.20 5.86 4.22
C ALA A 167 -4.89 6.19 3.53
N ILE A 168 -3.87 6.57 4.29
CA ILE A 168 -2.56 6.83 3.70
C ILE A 168 -2.06 5.58 2.97
N SER A 169 -2.20 4.40 3.57
CA SER A 169 -1.82 3.16 2.92
C SER A 169 -2.68 2.84 1.68
N ASP A 170 -3.98 3.13 1.71
CA ASP A 170 -4.81 2.94 0.52
C ASP A 170 -4.45 3.95 -0.59
N ILE A 171 -4.22 5.19 -0.21
CA ILE A 171 -3.87 6.26 -1.16
C ILE A 171 -2.58 5.90 -1.88
N PHE A 172 -1.50 5.68 -1.13
CA PHE A 172 -0.24 5.33 -1.78
C PHE A 172 -0.26 3.96 -2.41
N GLY A 173 -1.03 3.02 -1.89
CA GLY A 173 -1.18 1.75 -2.60
C GLY A 173 -1.76 1.96 -3.99
N THR A 174 -2.76 2.83 -4.08
CA THR A 174 -3.37 3.17 -5.35
C THR A 174 -2.42 3.97 -6.24
N LEU A 175 -1.69 4.94 -5.69
CA LEU A 175 -0.77 5.70 -6.52
C LEU A 175 0.36 4.81 -7.06
N VAL A 176 0.81 3.82 -6.28
CA VAL A 176 1.79 2.86 -6.80
C VAL A 176 1.15 2.02 -7.90
N GLU A 177 -0.11 1.60 -7.73
CA GLU A 177 -0.77 0.86 -8.79
C GLU A 177 -0.83 1.69 -10.08
N PHE A 178 -1.14 2.98 -9.99
CA PHE A 178 -1.12 3.83 -11.18
C PHE A 178 0.29 3.97 -11.74
N TYR A 179 1.28 4.10 -10.86
CA TYR A 179 2.68 4.21 -11.29
C TYR A 179 3.08 3.03 -12.17
N ALA A 180 2.74 1.82 -11.76
CA ALA A 180 3.07 0.64 -12.54
C ALA A 180 2.19 0.54 -13.80
N ASN A 181 1.00 1.11 -13.74
CA ASN A 181 0.12 1.31 -14.90
C ASN A 181 -0.43 0.02 -15.50
N LYS A 182 -0.70 -1.01 -14.69
CA LYS A 182 -1.37 -2.23 -15.14
C LYS A 182 -2.76 -2.29 -14.48
N ASN A 183 -3.79 -2.12 -15.29
CA ASN A 183 -5.18 -2.11 -14.86
C ASN A 183 -5.41 -1.24 -13.61
N PRO A 184 -4.96 0.02 -13.62
CA PRO A 184 -5.07 0.83 -12.40
C PRO A 184 -6.50 1.30 -12.18
N ASP A 185 -6.85 1.44 -10.91
CA ASP A 185 -8.18 1.85 -10.50
C ASP A 185 -8.08 2.48 -9.12
N TRP A 186 -9.22 2.95 -8.62
CA TRP A 186 -9.35 3.50 -7.29
C TRP A 186 -10.00 2.52 -6.31
N GLU A 187 -9.89 1.23 -6.61
CA GLU A 187 -10.39 0.16 -5.75
C GLU A 187 -9.20 -0.48 -5.05
N ILE A 188 -9.46 -1.14 -3.92
CA ILE A 188 -8.40 -1.76 -3.11
C ILE A 188 -8.51 -3.29 -3.14
N GLY A 189 -7.48 -3.95 -3.63
CA GLY A 189 -7.35 -5.40 -3.50
C GLY A 189 -8.09 -6.23 -4.53
N GLU A 190 -8.64 -5.60 -5.56
CA GLU A 190 -9.43 -6.30 -6.57
C GLU A 190 -8.72 -7.46 -7.23
N ASP A 191 -7.40 -7.41 -7.35
CA ASP A 191 -6.70 -8.48 -8.08
C ASP A 191 -6.60 -9.78 -7.29
N VAL A 192 -6.77 -9.76 -5.98
CA VAL A 192 -6.63 -10.93 -5.13
C VAL A 192 -7.89 -11.25 -4.34
N TYR A 193 -8.95 -10.45 -4.47
CA TYR A 193 -10.17 -10.61 -3.70
C TYR A 193 -11.19 -11.42 -4.47
N THR A 194 -11.83 -12.36 -3.76
CA THR A 194 -12.96 -13.16 -4.27
C THR A 194 -12.79 -13.62 -5.70
N PRO A 195 -11.95 -14.63 -5.93
CA PRO A 195 -11.75 -15.08 -7.31
C PRO A 195 -13.03 -15.53 -8.00
N GLY A 196 -14.04 -15.96 -7.26
CA GLY A 196 -15.29 -16.34 -7.89
C GLY A 196 -16.28 -15.24 -8.19
N ILE A 197 -15.97 -13.99 -7.83
CA ILE A 197 -16.85 -12.84 -8.05
C ILE A 197 -16.07 -11.78 -8.84
N SER A 198 -16.57 -11.39 -10.00
CA SER A 198 -15.91 -10.38 -10.81
C SER A 198 -16.39 -8.98 -10.41
N GLY A 199 -15.51 -8.00 -10.54
CA GLY A 199 -15.92 -6.62 -10.45
C GLY A 199 -15.98 -6.04 -9.05
N ASP A 200 -15.61 -6.80 -8.02
CA ASP A 200 -15.67 -6.33 -6.64
C ASP A 200 -14.26 -6.08 -6.11
N SER A 201 -14.19 -5.64 -4.87
CA SER A 201 -12.92 -5.32 -4.21
C SER A 201 -13.19 -5.25 -2.72
N LEU A 202 -12.11 -5.12 -1.96
CA LEU A 202 -12.23 -5.02 -0.51
C LEU A 202 -12.78 -3.66 -0.08
N ARG A 203 -12.30 -2.57 -0.69
CA ARG A 203 -12.74 -1.21 -0.44
C ARG A 203 -12.74 -0.48 -1.77
N SER A 204 -13.53 0.59 -1.84
CA SER A 204 -13.53 1.51 -2.95
C SER A 204 -13.18 2.89 -2.42
N MET A 205 -12.23 3.56 -3.09
CA MET A 205 -11.96 4.97 -2.76
C MET A 205 -12.92 5.90 -3.48
N SER A 206 -13.30 5.55 -4.71
CA SER A 206 -14.20 6.38 -5.50
C SER A 206 -15.62 6.39 -4.93
N ASP A 207 -16.04 5.28 -4.34
CA ASP A 207 -17.38 5.18 -3.74
C ASP A 207 -17.31 4.23 -2.55
N PRO A 208 -16.79 4.70 -1.41
CA PRO A 208 -16.63 3.81 -0.24
C PRO A 208 -17.91 3.12 0.17
N ALA A 209 -19.05 3.77 -0.04
CA ALA A 209 -20.31 3.22 0.43
C ALA A 209 -20.70 1.94 -0.31
N LYS A 210 -20.08 1.68 -1.47
CA LYS A 210 -20.36 0.44 -2.19
C LYS A 210 -20.14 -0.78 -1.29
N TYR A 211 -19.19 -0.69 -0.35
CA TYR A 211 -18.92 -1.79 0.57
C TYR A 211 -19.30 -1.44 2.01
N GLY A 212 -20.18 -0.46 2.20
CA GLY A 212 -20.66 -0.11 3.52
C GLY A 212 -19.76 0.82 4.31
N ASP A 213 -18.75 1.39 3.69
CA ASP A 213 -17.90 2.29 4.42
C ASP A 213 -18.37 3.73 4.23
N PRO A 214 -18.19 4.56 5.24
CA PRO A 214 -18.67 5.94 5.18
C PRO A 214 -17.94 6.78 4.14
N ASP A 215 -18.69 7.72 3.55
CA ASP A 215 -18.18 8.69 2.59
C ASP A 215 -18.46 10.12 3.05
N HIS A 216 -18.74 10.28 4.34
CA HIS A 216 -19.02 11.57 4.93
C HIS A 216 -18.82 11.43 6.44
N TYR A 217 -18.23 12.45 7.06
CA TYR A 217 -17.94 12.40 8.49
C TYR A 217 -19.18 12.15 9.33
N SER A 218 -20.36 12.60 8.89
CA SER A 218 -21.58 12.35 9.65
C SER A 218 -21.93 10.87 9.75
N LYS A 219 -21.32 10.04 8.91
CA LYS A 219 -21.58 8.60 8.88
C LYS A 219 -20.46 7.80 9.54
N ARG A 220 -19.56 8.47 10.26
CA ARG A 220 -18.42 7.76 10.84
C ARG A 220 -18.88 6.74 11.88
N TYR A 221 -18.09 5.69 12.00
CA TYR A 221 -18.28 4.67 13.01
C TYR A 221 -17.55 5.07 14.29
N THR A 222 -18.21 4.91 15.44
CA THR A 222 -17.51 5.26 16.69
C THR A 222 -17.57 4.16 17.73
N GLY A 223 -17.79 2.93 17.31
CA GLY A 223 -17.70 1.79 18.20
C GLY A 223 -16.26 1.32 18.34
N THR A 224 -16.10 0.14 18.93
CA THR A 224 -14.77 -0.35 19.28
C THR A 224 -14.21 -1.41 18.34
N GLN A 225 -15.03 -1.96 17.45
CA GLN A 225 -14.53 -2.98 16.54
C GLN A 225 -13.45 -2.40 15.64
N ASP A 226 -12.53 -3.24 15.20
CA ASP A 226 -11.54 -2.84 14.20
C ASP A 226 -10.71 -1.64 14.68
N ASN A 227 -10.29 -1.65 15.95
CA ASN A 227 -9.50 -0.56 16.53
C ASN A 227 -10.21 0.78 16.38
N GLY A 228 -11.54 0.77 16.58
CA GLY A 228 -12.32 1.97 16.40
C GLY A 228 -12.61 2.28 14.94
N GLY A 229 -12.74 1.26 14.10
CA GLY A 229 -13.10 1.41 12.70
C GLY A 229 -12.04 1.92 11.76
N VAL A 230 -10.77 1.53 11.98
CA VAL A 230 -9.69 2.08 11.14
C VAL A 230 -9.87 1.73 9.66
N HIS A 231 -10.39 0.55 9.33
CA HIS A 231 -10.62 0.13 7.95
C HIS A 231 -11.99 0.55 7.43
N ILE A 232 -12.77 1.23 8.27
CA ILE A 232 -14.13 1.67 7.95
C ILE A 232 -14.10 3.18 7.73
N ASN A 233 -13.68 3.94 8.74
CA ASN A 233 -13.60 5.39 8.65
C ASN A 233 -12.53 5.87 7.69
N SER A 234 -11.61 4.99 7.26
CA SER A 234 -10.70 5.34 6.19
C SER A 234 -11.45 5.77 4.93
N GLY A 235 -12.69 5.31 4.76
CA GLY A 235 -13.47 5.70 3.58
C GLY A 235 -13.67 7.20 3.47
N ILE A 236 -13.79 7.87 4.60
CA ILE A 236 -14.02 9.32 4.58
C ILE A 236 -12.82 10.04 3.96
N ILE A 237 -11.61 9.63 4.35
CA ILE A 237 -10.38 10.24 3.85
C ILE A 237 -10.08 9.74 2.44
N ASN A 238 -10.31 8.46 2.17
CA ASN A 238 -10.14 7.94 0.82
C ASN A 238 -11.01 8.72 -0.15
N LYS A 239 -12.27 8.98 0.22
CA LYS A 239 -13.16 9.76 -0.62
C LYS A 239 -12.61 11.16 -0.87
N ALA A 240 -12.13 11.81 0.19
CA ALA A 240 -11.54 13.15 0.01
C ALA A 240 -10.36 13.12 -0.96
N ALA A 241 -9.48 12.12 -0.83
CA ALA A 241 -8.32 12.00 -1.71
C ALA A 241 -8.75 11.78 -3.16
N TYR A 242 -9.71 10.87 -3.38
CA TYR A 242 -10.26 10.64 -4.70
C TYR A 242 -10.81 11.93 -5.31
N LEU A 243 -11.57 12.70 -4.52
CA LEU A 243 -12.12 13.96 -5.02
C LEU A 243 -11.03 14.96 -5.38
N ILE A 244 -9.99 15.08 -4.53
CA ILE A 244 -8.90 15.99 -4.85
C ILE A 244 -8.30 15.67 -6.20
N SER A 245 -8.05 14.38 -6.45
CA SER A 245 -7.43 13.96 -7.69
C SER A 245 -8.38 14.08 -8.88
N GLN A 246 -9.57 13.50 -8.74
CA GLN A 246 -10.44 13.24 -9.89
C GLN A 246 -11.57 14.24 -10.03
N GLY A 247 -11.88 14.97 -8.97
CA GLY A 247 -12.99 15.90 -8.95
C GLY A 247 -14.33 15.21 -8.83
N GLY A 248 -15.38 15.99 -8.65
CA GLY A 248 -16.74 15.51 -8.65
C GLY A 248 -17.59 16.39 -7.75
N THR A 249 -18.88 16.12 -7.75
CA THR A 249 -19.81 16.80 -6.84
C THR A 249 -20.40 15.74 -5.91
N HIS A 250 -20.22 15.93 -4.61
CA HIS A 250 -20.51 14.92 -3.60
C HIS A 250 -21.30 15.60 -2.49
N TYR A 251 -22.50 15.09 -2.23
CA TYR A 251 -23.47 15.72 -1.34
C TYR A 251 -23.63 17.21 -1.68
N GLY A 252 -23.67 17.49 -2.97
CA GLY A 252 -23.90 18.84 -3.46
C GLY A 252 -22.69 19.77 -3.48
N VAL A 253 -21.52 19.32 -3.02
CA VAL A 253 -20.30 20.13 -2.96
C VAL A 253 -19.41 19.75 -4.14
N SER A 254 -19.06 20.75 -4.96
CA SER A 254 -18.29 20.51 -6.18
C SER A 254 -16.80 20.67 -5.93
N VAL A 255 -16.02 19.70 -6.40
CA VAL A 255 -14.56 19.67 -6.23
C VAL A 255 -13.93 19.67 -7.62
N VAL A 256 -13.03 20.61 -7.86
CA VAL A 256 -12.24 20.62 -9.09
C VAL A 256 -11.03 19.71 -8.92
N GLY A 257 -10.93 18.67 -9.75
CA GLY A 257 -9.81 17.74 -9.60
C GLY A 257 -8.51 18.35 -10.08
N ILE A 258 -7.42 17.95 -9.42
CA ILE A 258 -6.08 18.42 -9.73
C ILE A 258 -5.14 17.29 -10.17
N GLY A 259 -5.61 16.05 -10.18
CA GLY A 259 -4.85 14.92 -10.68
C GLY A 259 -4.03 14.19 -9.62
N ARG A 260 -3.60 12.98 -9.98
CA ARG A 260 -2.97 12.06 -9.03
C ARG A 260 -1.63 12.54 -8.54
N ASP A 261 -0.81 13.10 -9.44
CA ASP A 261 0.54 13.48 -9.05
C ASP A 261 0.49 14.53 -7.96
N LYS A 262 -0.37 15.54 -8.11
CA LYS A 262 -0.48 16.58 -7.09
C LYS A 262 -1.11 16.04 -5.81
N LEU A 263 -2.08 15.14 -5.92
CA LEU A 263 -2.59 14.47 -4.72
C LEU A 263 -1.43 13.84 -3.96
N GLY A 264 -0.58 13.09 -4.67
CA GLY A 264 0.50 12.39 -4.00
C GLY A 264 1.49 13.34 -3.35
N LYS A 265 1.81 14.46 -4.04
CA LYS A 265 2.74 15.44 -3.46
C LYS A 265 2.16 16.04 -2.18
N ILE A 266 0.88 16.39 -2.21
CA ILE A 266 0.26 17.03 -1.07
C ILE A 266 0.23 16.07 0.12
N PHE A 267 -0.23 14.84 -0.11
CA PHE A 267 -0.34 13.89 0.99
C PHE A 267 1.02 13.40 1.49
N TYR A 268 2.01 13.27 0.60
CA TYR A 268 3.35 12.89 1.05
C TYR A 268 3.93 13.98 1.95
N ARG A 269 3.79 15.25 1.56
CA ARG A 269 4.27 16.34 2.41
C ARG A 269 3.49 16.40 3.71
N ALA A 270 2.18 16.20 3.68
CA ALA A 270 1.43 16.21 4.92
C ALA A 270 1.93 15.14 5.86
N LEU A 271 2.11 13.93 5.34
CA LEU A 271 2.54 12.77 6.14
C LEU A 271 3.89 13.01 6.78
N THR A 272 4.82 13.59 6.03
CA THR A 272 6.21 13.67 6.45
C THR A 272 6.59 14.98 7.13
N GLN A 273 5.80 16.04 6.99
CA GLN A 273 6.13 17.32 7.60
C GLN A 273 5.12 17.82 8.62
N TYR A 274 3.87 17.38 8.57
CA TYR A 274 2.86 18.02 9.42
C TYR A 274 2.09 17.09 10.34
N LEU A 275 1.81 15.86 9.94
CA LEU A 275 1.04 14.98 10.81
C LEU A 275 1.89 14.48 11.98
N THR A 276 1.19 14.11 13.04
CA THR A 276 1.80 13.61 14.26
C THR A 276 1.09 12.32 14.65
N PRO A 277 1.57 11.63 15.70
CA PRO A 277 0.95 10.34 16.03
C PRO A 277 -0.52 10.44 16.37
N THR A 278 -0.97 11.57 16.89
CA THR A 278 -2.35 11.70 17.34
C THR A 278 -3.22 12.56 16.43
N SER A 279 -2.76 12.89 15.23
CA SER A 279 -3.57 13.74 14.36
C SER A 279 -4.97 13.15 14.13
N ASN A 280 -5.98 14.02 14.18
CA ASN A 280 -7.35 13.66 13.82
C ASN A 280 -7.70 14.20 12.43
N PHE A 281 -8.94 13.93 11.99
CA PHE A 281 -9.30 14.28 10.61
C PHE A 281 -9.21 15.79 10.37
N SER A 282 -9.65 16.60 11.35
CA SER A 282 -9.57 18.05 11.20
C SER A 282 -8.12 18.51 11.07
N GLN A 283 -7.21 17.88 11.82
CA GLN A 283 -5.79 18.19 11.73
C GLN A 283 -5.20 17.72 10.41
N LEU A 284 -5.68 16.61 9.85
CA LEU A 284 -5.28 16.20 8.50
C LEU A 284 -5.69 17.26 7.48
N ARG A 285 -6.92 17.76 7.57
CA ARG A 285 -7.34 18.81 6.66
C ARG A 285 -6.37 19.98 6.72
N ALA A 286 -6.02 20.42 7.93
CA ALA A 286 -5.12 21.56 8.08
C ALA A 286 -3.75 21.24 7.50
N ALA A 287 -3.25 20.03 7.73
CA ALA A 287 -1.97 19.60 7.19
C ALA A 287 -1.97 19.59 5.66
N ALA A 288 -3.04 19.09 5.05
CA ALA A 288 -3.15 19.06 3.59
C ALA A 288 -3.26 20.47 3.02
N VAL A 289 -4.01 21.36 3.69
CA VAL A 289 -4.07 22.76 3.24
C VAL A 289 -2.70 23.40 3.29
N GLN A 290 -1.98 23.21 4.40
CA GLN A 290 -0.65 23.81 4.53
C GLN A 290 0.30 23.24 3.49
N SER A 291 0.23 21.92 3.27
CA SER A 291 1.11 21.27 2.30
C SER A 291 0.88 21.82 0.90
N ALA A 292 -0.39 21.93 0.51
CA ALA A 292 -0.72 22.48 -0.80
C ALA A 292 -0.29 23.95 -0.90
N THR A 293 -0.40 24.69 0.20
CA THR A 293 0.04 26.08 0.21
C THR A 293 1.54 26.16 -0.02
N ASP A 294 2.31 25.31 0.68
CA ASP A 294 3.77 25.25 0.46
C ASP A 294 4.11 24.94 -0.98
N LEU A 295 3.41 23.98 -1.56
CA LEU A 295 3.80 23.49 -2.89
C LEU A 295 3.31 24.37 -4.02
N TYR A 296 2.13 25.01 -3.87
CA TYR A 296 1.44 25.64 -4.99
C TYR A 296 1.01 27.06 -4.74
N GLY A 297 1.01 27.53 -3.52
CA GLY A 297 0.67 28.90 -3.21
C GLY A 297 -0.73 29.04 -2.62
N SER A 298 -0.88 30.02 -1.74
CA SER A 298 -2.14 30.17 -1.00
C SER A 298 -3.34 30.41 -1.92
N THR A 299 -3.13 31.08 -3.05
CA THR A 299 -4.21 31.42 -3.97
C THR A 299 -4.42 30.36 -5.06
N SER A 300 -3.78 29.21 -4.96
CA SER A 300 -3.78 28.23 -6.03
C SER A 300 -5.09 27.45 -6.07
N GLN A 301 -5.37 26.89 -7.25
CA GLN A 301 -6.45 25.93 -7.39
C GLN A 301 -6.26 24.73 -6.47
N GLU A 302 -5.00 24.30 -6.32
CA GLU A 302 -4.73 23.11 -5.51
C GLU A 302 -5.20 23.30 -4.09
N VAL A 303 -4.90 24.45 -3.48
CA VAL A 303 -5.40 24.74 -2.13
C VAL A 303 -6.92 24.77 -2.11
N ALA A 304 -7.53 25.48 -3.07
CA ALA A 304 -8.99 25.58 -3.11
C ALA A 304 -9.64 24.19 -3.21
N SER A 305 -9.06 23.30 -4.00
CA SER A 305 -9.63 21.96 -4.19
C SER A 305 -9.46 21.09 -2.94
N VAL A 306 -8.35 21.23 -2.22
CA VAL A 306 -8.22 20.52 -0.95
C VAL A 306 -9.36 20.93 -0.01
N LYS A 307 -9.63 22.24 0.09
CA LYS A 307 -10.69 22.71 0.97
C LYS A 307 -12.05 22.16 0.53
N GLN A 308 -12.33 22.21 -0.79
CA GLN A 308 -13.61 21.71 -1.29
C GLN A 308 -13.77 20.22 -0.99
N ALA A 309 -12.71 19.43 -1.16
CA ALA A 309 -12.82 17.99 -0.95
C ALA A 309 -13.11 17.66 0.52
N PHE A 310 -12.42 18.31 1.45
CA PHE A 310 -12.71 18.06 2.86
C PHE A 310 -14.09 18.60 3.23
N ASP A 311 -14.51 19.74 2.65
CA ASP A 311 -15.91 20.18 2.85
C ASP A 311 -16.89 19.12 2.37
N ALA A 312 -16.61 18.52 1.20
CA ALA A 312 -17.53 17.54 0.63
C ALA A 312 -17.74 16.33 1.53
N VAL A 313 -16.71 15.92 2.27
CA VAL A 313 -16.81 14.80 3.19
C VAL A 313 -17.09 15.24 4.64
N GLY A 314 -17.42 16.51 4.86
CA GLY A 314 -17.86 16.93 6.18
C GLY A 314 -16.78 17.13 7.20
N VAL A 315 -15.54 17.36 6.78
CA VAL A 315 -14.41 17.53 7.67
C VAL A 315 -13.98 18.99 7.63
N LYS A 316 -14.11 19.67 8.77
CA LYS A 316 -13.72 21.07 8.92
C LYS A 316 -12.39 21.28 9.64
ZN ZN B . -3.56 -1.29 6.48
CA CA C . -6.55 -1.33 -7.04
CA CA D . 13.26 -23.11 -9.56
CA CA E . -6.32 -2.68 -10.58
CA CA F . -13.37 -10.73 -6.91
S DMS G . -2.97 -8.94 12.90
O DMS G . -3.93 -9.81 13.66
C1 DMS G . -1.54 -9.99 12.56
C2 DMS G . -3.55 -8.62 11.21
S DMS H . 25.54 -9.28 -2.25
O DMS H . 26.89 -9.71 -1.73
C1 DMS H . 24.92 -8.12 -1.00
C2 DMS H . 25.91 -8.05 -3.54
S DMS I . -24.53 14.83 5.39
O DMS I . -25.10 13.52 4.89
C1 DMS I . -24.51 15.84 3.89
C2 DMS I . -25.85 15.69 6.24
S DMS J . -1.56 13.50 -13.58
O DMS J . -1.46 13.86 -12.15
C1 DMS J . -0.12 14.21 -14.42
C2 DMS J . -1.29 11.73 -13.80
C10 8JH K . -9.89 -8.97 5.82
C11 8JH K . -3.54 -5.02 8.67
C12 8JH K . -2.74 -4.37 10.99
C13 8JH K . -1.59 -3.63 12.94
C14 8JH K . -0.41 -4.45 13.40
C15 8JH K . 0.70 -3.90 14.09
C16 8JH K . 1.77 -4.70 14.49
C19 8JH K . -0.39 -5.82 13.12
P01 8JH K . -3.48 -4.21 7.07
C01 8JH K . -4.97 -4.79 4.87
N01 8JH K . -4.16 -5.27 6.01
O01 8JH K . -2.06 -3.83 6.76
C02 8JH K . -4.88 -5.79 3.71
N02 8JH K . -6.93 -5.59 6.16
O02 8JH K . -7.18 -3.80 4.79
C03 8JH K . -5.63 -5.40 2.44
N03 8JH K . -9.56 -10.21 6.52
O03 8JH K . -4.41 -2.95 7.11
C04 8JH K . -5.74 -6.60 1.48
N04 8JH K . -2.60 -4.44 9.65
O04 8JH K . -1.72 -3.67 11.51
C05 8JH K . -4.96 -4.21 1.75
O05 8JH K . -3.67 -4.90 11.53
C06 8JH K . -6.46 -4.67 5.28
C07 8JH K . -8.30 -5.58 6.60
C08 8JH K . -9.16 -6.51 5.77
C09 8JH K . -8.77 -7.95 6.04
C17 8JH K . 1.75 -6.07 14.22
C18 8JH K . 0.68 -6.62 13.50
#